data_5M35
#
_entry.id   5M35
#
_cell.length_a   72.221
_cell.length_b   104.075
_cell.length_c   114.451
_cell.angle_alpha   90.000
_cell.angle_beta   90.000
_cell.angle_gamma   90.000
#
_symmetry.space_group_name_H-M   'P 21 21 21'
#
loop_
_entity.id
_entity.type
_entity.pdbx_description
1 polymer '14-3-3 protein zeta/delta'
2 polymer 'M-phase inducer phosphatase 3'
3 polymer 'M-phase inducer phosphatase 3'
4 non-polymer GLYCEROL
5 non-polymer 'BENZOIC ACID'
6 water water
#
loop_
_entity_poly.entity_id
_entity_poly.type
_entity_poly.pdbx_seq_one_letter_code
_entity_poly.pdbx_strand_id
1 'polypeptide(L)'
;DKNELVQKAKLAEQAERYDDMAA(CSO)MKSVTEQGAELSNEERNLLSVAYKNVVGARRSSWRVVSSIEQKTEGAEKKQQ
MAREYREKIETELRDICNDVLSLLEKFLIPNASQAESKVFYLKMKGDYYRYLAEVAAGDDKKGIVDQSQQAYQEAFEISK
KEMQPTHPIRLGLALNFSVFYYEILNSPEKACSLAKTAFDEAIAELDTLSEESYKDSTLIMQLLRDNLTLWTS
;
A,B
2 'polypeptide(L)' LYRSP(SEP)MPEN C
3 'polypeptide(L)' RSP(SEP)MPE D
#
loop_
_chem_comp.id
_chem_comp.type
_chem_comp.name
_chem_comp.formula
BEZ non-polymer 'BENZOIC ACID' 'C7 H6 O2'
GOL non-polymer GLYCEROL 'C3 H8 O3'
#
# COMPACT_ATOMS: atom_id res chain seq x y z
N ASP A 1 5.04 28.78 7.54
CA ASP A 1 5.50 28.65 6.17
C ASP A 1 4.57 27.78 5.33
N LYS A 2 5.07 27.34 4.20
CA LYS A 2 4.37 26.45 3.31
C LYS A 2 5.50 25.64 2.81
N ASN A 3 6.67 26.13 2.97
CA ASN A 3 7.88 25.36 3.00
C ASN A 3 7.81 24.27 4.05
N GLU A 4 7.06 24.59 5.10
CA GLU A 4 6.76 23.67 6.18
C GLU A 4 5.91 22.52 5.57
N LEU A 5 4.81 22.89 4.93
CA LEU A 5 3.88 21.96 4.30
C LEU A 5 4.56 21.04 3.28
N VAL A 6 5.50 21.59 2.55
CA VAL A 6 6.37 20.80 1.69
C VAL A 6 7.30 19.85 2.48
N GLN A 7 7.74 20.26 3.66
CA GLN A 7 8.63 19.39 4.39
C GLN A 7 7.81 18.22 4.95
N LYS A 8 6.63 18.53 5.49
CA LYS A 8 5.62 17.54 5.93
C LYS A 8 5.27 16.56 4.77
N ALA A 9 5.04 17.11 3.59
CA ALA A 9 4.83 16.28 2.40
C ALA A 9 5.92 15.26 2.18
N LYS A 10 7.16 15.63 2.45
CA LYS A 10 8.29 14.74 2.17
C LYS A 10 8.40 13.69 3.23
N LEU A 11 8.06 14.06 4.46
CA LEU A 11 7.98 13.12 5.55
C LEU A 11 6.99 12.01 5.23
N ALA A 12 5.75 12.43 5.01
CA ALA A 12 4.60 11.60 4.65
C ALA A 12 5.06 10.60 3.60
N GLU A 13 5.73 11.14 2.58
CA GLU A 13 6.19 10.36 1.48
C GLU A 13 7.17 9.30 1.96
N GLN A 14 8.05 9.65 2.88
CA GLN A 14 9.08 8.69 3.27
C GLN A 14 8.44 7.59 4.13
N ALA A 15 7.36 7.95 4.80
CA ALA A 15 6.46 7.07 5.57
C ALA A 15 5.42 6.32 4.73
N GLU A 16 5.43 6.53 3.40
CA GLU A 16 4.50 5.87 2.51
C GLU A 16 3.05 6.13 2.96
N ARG A 17 2.80 7.33 3.46
CA ARG A 17 1.47 7.81 3.85
C ARG A 17 0.97 8.82 2.81
N TYR A 18 0.54 8.28 1.68
CA TYR A 18 0.28 9.11 0.51
C TYR A 18 -0.96 10.01 0.65
N ASP A 19 -1.90 9.65 1.51
CA ASP A 19 -3.07 10.53 1.72
C ASP A 19 -2.67 11.82 2.42
N ASP A 20 -1.89 11.70 3.48
CA ASP A 20 -1.22 12.78 4.14
C ASP A 20 -0.43 13.59 3.07
N MET A 21 0.43 12.89 2.33
CA MET A 21 1.24 13.54 1.33
C MET A 21 0.40 14.35 0.40
N ALA A 22 -0.73 13.80 -0.02
CA ALA A 22 -1.59 14.47 -0.97
C ALA A 22 -2.23 15.66 -0.31
N ALA A 23 -2.54 15.56 0.98
CA ALA A 23 -3.25 16.67 1.63
C ALA A 23 -2.35 17.92 1.76
N CSO A 24 -1.07 17.67 2.06
CA CSO A 24 -0.07 18.74 2.11
CB CSO A 24 1.27 18.17 2.55
SG CSO A 24 1.21 17.58 4.27
C CSO A 24 0.05 19.44 0.80
O CSO A 24 -0.16 20.66 0.72
OD CSO A 24 1.44 18.77 5.35
N MET A 25 0.39 18.71 -0.25
CA MET A 25 0.51 19.29 -1.57
C MET A 25 -0.78 19.94 -2.04
N LYS A 26 -1.93 19.45 -1.61
CA LYS A 26 -3.13 20.14 -2.02
C LYS A 26 -3.08 21.54 -1.45
N SER A 27 -2.77 21.67 -0.16
CA SER A 27 -2.78 23.02 0.41
C SER A 27 -1.64 23.85 -0.12
N VAL A 28 -0.52 23.26 -0.49
CA VAL A 28 0.51 24.12 -1.07
C VAL A 28 -0.01 24.77 -2.34
N THR A 29 -0.41 23.93 -3.29
CA THR A 29 -1.05 24.37 -4.50
C THR A 29 -2.09 25.42 -4.20
N GLU A 30 -2.90 25.24 -3.17
CA GLU A 30 -4.00 26.18 -2.95
C GLU A 30 -3.49 27.50 -2.34
N GLN A 31 -2.19 27.59 -2.09
CA GLN A 31 -1.67 28.87 -1.64
C GLN A 31 -1.55 29.85 -2.79
N GLY A 32 -1.71 29.35 -4.02
CA GLY A 32 -1.93 30.19 -5.19
C GLY A 32 -0.72 30.47 -6.02
N ALA A 33 0.48 30.14 -5.54
CA ALA A 33 1.72 30.46 -6.22
C ALA A 33 2.13 29.33 -7.12
N GLU A 34 2.71 29.67 -8.25
CA GLU A 34 3.25 28.68 -9.14
C GLU A 34 4.20 27.70 -8.39
N LEU A 35 4.07 26.39 -8.65
CA LEU A 35 4.82 25.36 -7.92
C LEU A 35 6.20 25.25 -8.51
N SER A 36 7.22 25.04 -7.68
CA SER A 36 8.54 24.72 -8.21
C SER A 36 8.47 23.36 -8.87
N ASN A 37 9.50 23.00 -9.61
CA ASN A 37 9.57 21.65 -10.08
C ASN A 37 9.35 20.63 -9.01
N GLU A 38 10.11 20.76 -7.90
CA GLU A 38 10.10 19.76 -6.86
C GLU A 38 8.69 19.54 -6.39
N GLU A 39 7.98 20.62 -6.13
CA GLU A 39 6.62 20.60 -5.67
C GLU A 39 5.68 19.90 -6.69
N ARG A 40 5.91 20.14 -7.96
CA ARG A 40 5.06 19.66 -9.00
C ARG A 40 5.16 18.16 -8.94
N ASN A 41 6.39 17.68 -8.84
N ASN A 41 6.39 17.65 -8.88
CA ASN A 41 6.71 16.26 -8.73
CA ASN A 41 6.67 16.21 -8.69
C ASN A 41 6.20 15.64 -7.42
C ASN A 41 5.92 15.68 -7.46
N LEU A 42 5.99 16.41 -6.37
CA LEU A 42 5.50 15.82 -5.11
C LEU A 42 4.01 15.66 -5.22
N LEU A 43 3.34 16.71 -5.70
CA LEU A 43 1.93 16.69 -5.95
C LEU A 43 1.56 15.49 -6.80
N SER A 44 2.32 15.24 -7.84
CA SER A 44 1.90 14.31 -8.80
C SER A 44 2.13 12.89 -8.22
N VAL A 45 3.30 12.66 -7.60
CA VAL A 45 3.57 11.40 -6.94
C VAL A 45 2.49 11.09 -5.88
N ALA A 46 2.12 12.10 -5.14
CA ALA A 46 1.12 11.88 -4.11
C ALA A 46 -0.16 11.34 -4.77
N TYR A 47 -0.63 11.96 -5.83
CA TYR A 47 -1.97 11.65 -6.24
C TYR A 47 -1.97 10.41 -7.09
N LYS A 48 -0.87 10.14 -7.79
CA LYS A 48 -0.71 8.86 -8.42
C LYS A 48 -0.86 7.72 -7.42
N ASN A 49 -0.21 7.80 -6.26
CA ASN A 49 -0.34 6.68 -5.34
C ASN A 49 -1.76 6.55 -4.79
N VAL A 50 -2.39 7.66 -4.47
CA VAL A 50 -3.74 7.68 -3.91
C VAL A 50 -4.71 7.10 -4.93
N VAL A 51 -4.56 7.49 -6.19
CA VAL A 51 -5.55 7.08 -7.15
C VAL A 51 -5.30 5.65 -7.66
N GLY A 52 -4.02 5.30 -7.79
CA GLY A 52 -3.58 3.98 -8.22
C GLY A 52 -4.01 2.83 -7.31
N ALA A 53 -4.19 3.08 -6.01
CA ALA A 53 -4.72 2.06 -5.15
C ALA A 53 -6.17 1.76 -5.48
N ARG A 54 -6.96 2.81 -5.77
CA ARG A 54 -8.37 2.63 -6.15
C ARG A 54 -8.50 2.04 -7.52
N ARG A 55 -7.63 2.41 -8.45
CA ARG A 55 -7.74 1.82 -9.77
C ARG A 55 -7.48 0.36 -9.59
N SER A 56 -6.36 0.03 -8.96
CA SER A 56 -5.94 -1.38 -8.83
C SER A 56 -7.05 -2.19 -8.12
N SER A 57 -7.61 -1.67 -7.05
CA SER A 57 -8.69 -2.34 -6.37
C SER A 57 -9.87 -2.51 -7.34
N TRP A 58 -10.19 -1.47 -8.12
CA TRP A 58 -11.38 -1.50 -8.98
C TRP A 58 -11.24 -2.66 -9.96
N ARG A 59 -10.04 -2.89 -10.46
CA ARG A 59 -9.91 -3.91 -11.48
C ARG A 59 -10.14 -5.27 -10.84
N VAL A 60 -9.66 -5.44 -9.60
CA VAL A 60 -9.87 -6.70 -8.93
C VAL A 60 -11.36 -6.94 -8.71
N VAL A 61 -12.06 -5.99 -8.15
CA VAL A 61 -13.44 -6.21 -7.86
C VAL A 61 -14.29 -6.41 -9.16
N SER A 62 -13.91 -5.75 -10.27
CA SER A 62 -14.64 -5.91 -11.52
C SER A 62 -14.50 -7.28 -12.13
N SER A 63 -13.29 -7.82 -12.06
CA SER A 63 -12.95 -9.13 -12.58
C SER A 63 -13.74 -10.19 -11.87
N ILE A 64 -13.73 -10.11 -10.55
CA ILE A 64 -14.51 -10.96 -9.67
C ILE A 64 -16.01 -10.88 -9.98
N GLU A 65 -16.55 -9.65 -9.99
CA GLU A 65 -17.93 -9.39 -10.30
C GLU A 65 -18.38 -10.14 -11.59
N GLN A 66 -17.58 -10.03 -12.64
CA GLN A 66 -17.89 -10.64 -13.91
C GLN A 66 -17.61 -12.14 -13.97
N LYS A 67 -16.65 -12.62 -13.19
CA LYS A 67 -16.36 -14.05 -13.19
C LYS A 67 -17.41 -14.84 -12.40
N THR A 68 -18.21 -14.12 -11.60
CA THR A 68 -19.38 -14.70 -10.94
C THR A 68 -20.70 -14.26 -11.61
N GLU A 69 -20.91 -14.72 -12.83
CA GLU A 69 -22.14 -14.47 -13.56
C GLU A 69 -23.24 -15.41 -13.06
N GLY A 70 -22.82 -16.45 -12.35
CA GLY A 70 -23.75 -17.43 -11.81
C GLY A 70 -24.32 -17.19 -10.42
N ALA A 71 -23.48 -16.82 -9.47
CA ALA A 71 -23.97 -16.39 -8.15
C ALA A 71 -24.71 -15.07 -8.33
N GLU A 72 -25.54 -14.70 -7.34
CA GLU A 72 -26.33 -13.47 -7.46
C GLU A 72 -26.11 -12.56 -6.26
N LYS A 73 -26.42 -13.08 -5.07
CA LYS A 73 -26.26 -12.33 -3.86
C LYS A 73 -24.81 -11.80 -3.85
N LYS A 74 -23.90 -12.58 -4.43
CA LYS A 74 -22.51 -12.18 -4.51
C LYS A 74 -22.32 -11.07 -5.53
N GLN A 75 -22.91 -11.25 -6.71
CA GLN A 75 -22.83 -10.25 -7.77
C GLN A 75 -23.37 -8.91 -7.28
N GLN A 76 -24.37 -8.97 -6.39
CA GLN A 76 -24.96 -7.77 -5.83
C GLN A 76 -23.97 -7.07 -4.89
N MET A 77 -23.21 -7.87 -4.15
CA MET A 77 -22.23 -7.34 -3.24
C MET A 77 -21.01 -6.78 -4.02
N ALA A 78 -20.35 -7.62 -4.81
CA ALA A 78 -19.24 -7.19 -5.63
C ALA A 78 -19.58 -5.86 -6.33
N ARG A 79 -20.77 -5.80 -6.92
CA ARG A 79 -21.16 -4.65 -7.72
C ARG A 79 -21.17 -3.45 -6.79
N GLU A 80 -21.79 -3.57 -5.64
CA GLU A 80 -21.96 -2.44 -4.74
C GLU A 80 -20.59 -1.96 -4.19
N TYR A 81 -19.67 -2.91 -4.10
CA TYR A 81 -18.33 -2.65 -3.59
C TYR A 81 -17.52 -1.95 -4.68
N ARG A 82 -17.69 -2.42 -5.90
CA ARG A 82 -17.05 -1.78 -7.03
C ARG A 82 -17.47 -0.32 -7.00
N GLU A 83 -18.72 -0.08 -6.69
CA GLU A 83 -19.18 1.26 -6.89
C GLU A 83 -18.83 2.20 -5.72
N LYS A 84 -18.63 1.61 -4.53
CA LYS A 84 -18.08 2.34 -3.36
C LYS A 84 -16.62 2.80 -3.71
N ILE A 85 -15.81 1.85 -4.15
CA ILE A 85 -14.53 2.12 -4.68
C ILE A 85 -14.59 3.20 -5.80
N GLU A 86 -15.56 3.11 -6.73
CA GLU A 86 -15.55 4.05 -7.86
C GLU A 86 -15.78 5.42 -7.33
N THR A 87 -16.57 5.53 -6.27
CA THR A 87 -16.87 6.81 -5.66
C THR A 87 -15.62 7.50 -5.10
N GLU A 88 -14.84 6.77 -4.32
CA GLU A 88 -13.55 7.23 -3.88
C GLU A 88 -12.68 7.66 -5.06
N LEU A 89 -12.65 6.89 -6.13
CA LEU A 89 -11.74 7.17 -7.20
C LEU A 89 -12.08 8.43 -7.96
N ARG A 90 -13.37 8.69 -8.05
CA ARG A 90 -13.91 9.85 -8.70
C ARG A 90 -13.65 11.12 -7.90
N ASP A 91 -13.92 11.07 -6.61
CA ASP A 91 -13.64 12.20 -5.76
C ASP A 91 -12.17 12.57 -5.85
N ILE A 92 -11.30 11.59 -6.02
CA ILE A 92 -9.93 11.89 -6.07
C ILE A 92 -9.73 12.58 -7.41
N CYS A 93 -10.03 11.91 -8.50
CA CYS A 93 -9.90 12.54 -9.79
C CYS A 93 -10.48 13.94 -9.79
N ASN A 94 -11.64 14.14 -9.17
CA ASN A 94 -12.19 15.48 -9.15
C ASN A 94 -11.34 16.53 -8.40
N ASP A 95 -10.72 16.14 -7.29
CA ASP A 95 -9.87 17.06 -6.58
C ASP A 95 -8.69 17.38 -7.44
N VAL A 96 -8.10 16.38 -8.08
CA VAL A 96 -6.92 16.72 -8.86
C VAL A 96 -7.33 17.62 -9.97
N LEU A 97 -8.42 17.29 -10.64
CA LEU A 97 -8.86 18.05 -11.82
C LEU A 97 -9.23 19.50 -11.50
N SER A 98 -9.92 19.66 -10.38
CA SER A 98 -10.29 20.97 -9.90
C SER A 98 -9.02 21.79 -9.60
N LEU A 99 -7.96 21.10 -9.20
CA LEU A 99 -6.75 21.77 -8.78
C LEU A 99 -6.05 22.24 -10.04
N LEU A 100 -6.14 21.43 -11.10
CA LEU A 100 -5.50 21.75 -12.34
C LEU A 100 -6.14 22.96 -13.01
N GLU A 101 -7.43 23.11 -12.82
CA GLU A 101 -8.18 24.09 -13.54
C GLU A 101 -8.08 25.39 -12.84
N LYS A 102 -8.20 25.33 -11.53
CA LYS A 102 -8.20 26.51 -10.74
C LYS A 102 -6.83 27.13 -10.64
N PHE A 103 -5.82 26.32 -10.39
CA PHE A 103 -4.50 26.85 -10.13
C PHE A 103 -3.46 26.52 -11.17
N LEU A 104 -3.19 25.25 -11.38
CA LEU A 104 -1.98 24.83 -12.02
C LEU A 104 -1.90 25.19 -13.50
N ILE A 105 -2.98 25.05 -14.25
CA ILE A 105 -2.87 25.26 -15.69
C ILE A 105 -2.83 26.76 -15.98
N PRO A 106 -3.66 27.55 -15.28
CA PRO A 106 -3.69 28.99 -15.58
C PRO A 106 -2.38 29.72 -15.27
N ASN A 107 -1.71 29.36 -14.18
CA ASN A 107 -0.44 29.99 -13.76
C ASN A 107 0.76 29.37 -14.39
N ALA A 108 0.57 28.28 -15.09
CA ALA A 108 1.73 27.59 -15.59
C ALA A 108 2.39 28.63 -16.46
N SER A 109 3.63 28.99 -16.12
CA SER A 109 4.28 30.11 -16.83
C SER A 109 5.31 29.65 -17.86
N GLN A 110 5.68 28.37 -17.79
CA GLN A 110 6.56 27.77 -18.77
C GLN A 110 5.77 26.78 -19.61
N ALA A 111 6.31 26.45 -20.77
CA ALA A 111 5.63 25.53 -21.71
C ALA A 111 5.79 24.13 -21.09
N GLU A 112 6.98 23.89 -20.54
CA GLU A 112 7.26 22.65 -19.87
C GLU A 112 6.26 22.36 -18.73
N SER A 113 5.84 23.38 -18.02
CA SER A 113 4.85 23.28 -17.02
C SER A 113 3.50 22.98 -17.59
N LYS A 114 3.13 23.75 -18.58
CA LYS A 114 1.81 23.71 -19.15
C LYS A 114 1.56 22.32 -19.67
N VAL A 115 2.53 21.79 -20.42
CA VAL A 115 2.45 20.47 -21.00
C VAL A 115 2.28 19.46 -19.86
N PHE A 116 3.12 19.59 -18.83
CA PHE A 116 3.08 18.68 -17.73
C PHE A 116 1.68 18.58 -17.14
N TYR A 117 0.99 19.72 -17.01
CA TYR A 117 -0.27 19.77 -16.32
C TYR A 117 -1.40 19.35 -17.22
N LEU A 118 -1.19 19.54 -18.52
CA LEU A 118 -2.20 19.27 -19.50
C LEU A 118 -2.29 17.75 -19.67
N LYS A 119 -1.11 17.11 -19.88
CA LYS A 119 -0.99 15.67 -19.82
C LYS A 119 -1.65 15.11 -18.57
N MET A 120 -1.34 15.72 -17.43
CA MET A 120 -1.96 15.30 -16.19
C MET A 120 -3.50 15.41 -16.26
N LYS A 121 -4.05 16.53 -16.72
CA LYS A 121 -5.50 16.63 -16.99
C LYS A 121 -5.95 15.45 -17.89
N GLY A 122 -5.19 15.13 -18.92
CA GLY A 122 -5.61 14.03 -19.81
C GLY A 122 -5.64 12.72 -19.05
N ASP A 123 -4.62 12.46 -18.25
CA ASP A 123 -4.54 11.23 -17.47
C ASP A 123 -5.75 11.12 -16.54
N TYR A 124 -6.11 12.19 -15.85
CA TYR A 124 -7.13 12.08 -14.83
C TYR A 124 -8.48 11.94 -15.46
N TYR A 125 -8.74 12.62 -16.55
CA TYR A 125 -9.97 12.36 -17.30
C TYR A 125 -9.92 10.94 -17.84
N ARG A 126 -8.76 10.52 -18.30
CA ARG A 126 -8.63 9.08 -18.63
C ARG A 126 -9.06 8.13 -17.48
N TYR A 127 -8.61 8.32 -16.25
CA TYR A 127 -9.08 7.41 -15.17
C TYR A 127 -10.53 7.63 -14.91
N LEU A 128 -11.02 8.83 -15.11
CA LEU A 128 -12.47 8.97 -15.02
C LEU A 128 -13.10 8.16 -16.11
N ALA A 129 -12.43 8.04 -17.25
CA ALA A 129 -13.16 7.39 -18.35
C ALA A 129 -13.26 5.87 -18.11
N GLU A 130 -12.17 5.28 -17.62
CA GLU A 130 -12.11 3.84 -17.40
C GLU A 130 -13.24 3.35 -16.52
N VAL A 131 -13.76 4.25 -15.68
CA VAL A 131 -14.84 3.90 -14.77
C VAL A 131 -16.10 4.72 -15.06
N ALA A 132 -16.28 5.09 -16.32
CA ALA A 132 -17.46 5.87 -16.70
C ALA A 132 -18.68 4.99 -16.88
N ALA A 133 -19.83 5.61 -17.13
CA ALA A 133 -21.08 4.88 -17.32
C ALA A 133 -21.47 4.93 -18.79
N GLY A 134 -22.70 4.55 -19.09
CA GLY A 134 -23.19 4.57 -20.45
C GLY A 134 -23.88 5.83 -20.95
N ASP A 135 -23.85 6.87 -20.12
CA ASP A 135 -24.47 8.14 -20.48
C ASP A 135 -23.58 9.32 -20.07
N ASP A 136 -22.30 9.05 -19.87
CA ASP A 136 -21.35 10.08 -19.48
C ASP A 136 -20.03 9.88 -20.18
N LYS A 137 -19.84 8.69 -20.73
CA LYS A 137 -18.54 8.26 -21.14
C LYS A 137 -17.97 9.05 -22.30
N LYS A 138 -18.79 9.44 -23.27
CA LYS A 138 -18.22 10.13 -24.43
C LYS A 138 -17.81 11.54 -24.06
N GLY A 139 -18.56 12.15 -23.15
CA GLY A 139 -18.20 13.49 -22.62
C GLY A 139 -16.82 13.45 -21.97
N ILE A 140 -16.59 12.44 -21.13
CA ILE A 140 -15.38 12.36 -20.33
C ILE A 140 -14.25 12.02 -21.24
N VAL A 141 -14.45 11.07 -22.14
CA VAL A 141 -13.45 10.71 -23.13
C VAL A 141 -12.97 11.92 -23.96
N ASP A 142 -13.87 12.79 -24.37
CA ASP A 142 -13.43 13.93 -25.20
C ASP A 142 -12.60 14.93 -24.41
N GLN A 143 -13.00 15.18 -23.16
CA GLN A 143 -12.16 15.92 -22.21
C GLN A 143 -10.75 15.36 -22.09
N SER A 144 -10.62 14.04 -21.99
CA SER A 144 -9.31 13.46 -21.87
C SER A 144 -8.53 13.77 -23.15
N GLN A 145 -9.12 13.41 -24.28
CA GLN A 145 -8.51 13.67 -25.59
C GLN A 145 -8.05 15.12 -25.76
N GLN A 146 -8.94 16.07 -25.52
CA GLN A 146 -8.63 17.46 -25.73
C GLN A 146 -7.43 17.96 -24.89
N ALA A 147 -7.29 17.45 -23.67
CA ALA A 147 -6.18 17.87 -22.79
C ALA A 147 -4.91 17.27 -23.42
N TYR A 148 -4.94 16.00 -23.74
CA TYR A 148 -3.74 15.43 -24.32
C TYR A 148 -3.33 16.15 -25.60
N GLN A 149 -4.33 16.51 -26.41
CA GLN A 149 -4.09 17.05 -27.74
C GLN A 149 -3.54 18.45 -27.64
N GLU A 150 -4.06 19.28 -26.75
CA GLU A 150 -3.39 20.56 -26.55
CA GLU A 150 -3.44 20.57 -26.45
C GLU A 150 -1.96 20.38 -25.99
N ALA A 151 -1.77 19.52 -24.99
CA ALA A 151 -0.42 19.29 -24.46
C ALA A 151 0.46 18.87 -25.59
N PHE A 152 -0.09 18.03 -26.46
CA PHE A 152 0.67 17.46 -27.56
C PHE A 152 1.06 18.55 -28.56
N GLU A 153 0.13 19.47 -28.83
CA GLU A 153 0.35 20.61 -29.74
C GLU A 153 1.56 21.48 -29.19
N ILE A 154 1.49 21.79 -27.91
CA ILE A 154 2.48 22.65 -27.32
C ILE A 154 3.86 22.01 -27.30
N SER A 155 3.92 20.73 -26.93
CA SER A 155 5.19 20.09 -26.73
C SER A 155 5.88 19.96 -28.10
N LYS A 156 5.12 19.68 -29.14
CA LYS A 156 5.65 19.58 -30.48
C LYS A 156 6.23 20.93 -30.92
N LYS A 157 5.52 22.03 -30.65
CA LYS A 157 6.08 23.39 -30.88
C LYS A 157 7.27 23.78 -29.96
N GLU A 158 7.12 23.59 -28.64
CA GLU A 158 8.06 24.16 -27.66
C GLU A 158 9.18 23.28 -27.18
N MET A 159 9.05 21.96 -27.32
CA MET A 159 10.01 21.07 -26.66
C MET A 159 10.72 20.19 -27.64
N GLN A 160 11.91 19.75 -27.27
CA GLN A 160 12.70 18.84 -28.10
C GLN A 160 12.15 17.40 -28.10
N PRO A 161 12.25 16.68 -29.23
CA PRO A 161 11.72 15.30 -29.28
C PRO A 161 12.23 14.34 -28.18
N THR A 162 13.47 14.52 -27.70
CA THR A 162 13.96 13.78 -26.53
C THR A 162 13.44 14.25 -25.14
N HIS A 163 12.67 15.33 -25.10
CA HIS A 163 12.16 15.82 -23.83
C HIS A 163 11.39 14.72 -23.08
N PRO A 164 11.88 14.31 -21.91
CA PRO A 164 11.19 13.24 -21.15
C PRO A 164 9.73 13.53 -20.93
N ILE A 165 9.39 14.79 -20.69
CA ILE A 165 7.97 15.19 -20.57
C ILE A 165 7.21 15.02 -21.89
N ARG A 166 7.82 15.43 -22.99
CA ARG A 166 7.22 15.28 -24.30
C ARG A 166 7.08 13.81 -24.68
N LEU A 167 8.06 13.02 -24.27
CA LEU A 167 8.06 11.58 -24.53
C LEU A 167 6.98 10.90 -23.70
N GLY A 168 6.94 11.22 -22.40
CA GLY A 168 5.93 10.65 -21.50
C GLY A 168 4.49 10.97 -21.96
N LEU A 169 4.31 12.11 -22.59
CA LEU A 169 2.98 12.53 -23.06
C LEU A 169 2.61 11.58 -24.16
N ALA A 170 3.60 11.22 -24.98
CA ALA A 170 3.34 10.45 -26.16
C ALA A 170 2.97 9.00 -25.71
N LEU A 171 3.68 8.53 -24.69
CA LEU A 171 3.39 7.23 -24.14
C LEU A 171 1.98 7.21 -23.60
N ASN A 172 1.57 8.16 -22.77
CA ASN A 172 0.24 8.12 -22.20
C ASN A 172 -0.90 8.39 -23.26
N PHE A 173 -0.69 9.26 -24.24
CA PHE A 173 -1.71 9.57 -25.27
C PHE A 173 -1.86 8.34 -26.16
N SER A 174 -0.77 7.64 -26.44
CA SER A 174 -0.90 6.45 -27.23
C SER A 174 -1.66 5.37 -26.45
N VAL A 175 -1.46 5.32 -25.14
CA VAL A 175 -2.23 4.39 -24.34
C VAL A 175 -3.68 4.82 -24.35
N PHE A 176 -3.92 6.11 -24.39
CA PHE A 176 -5.29 6.59 -24.40
C PHE A 176 -6.02 6.02 -25.67
N TYR A 177 -5.37 6.18 -26.81
CA TYR A 177 -5.85 5.61 -28.03
C TYR A 177 -6.12 4.10 -27.98
N TYR A 178 -5.23 3.32 -27.36
CA TYR A 178 -5.32 1.89 -27.44
C TYR A 178 -6.44 1.41 -26.53
N GLU A 179 -6.58 2.00 -25.36
CA GLU A 179 -7.45 1.42 -24.38
C GLU A 179 -8.70 2.21 -24.35
N ILE A 180 -8.64 3.50 -24.60
CA ILE A 180 -9.85 4.25 -24.35
C ILE A 180 -10.65 4.32 -25.63
N LEU A 181 -10.02 4.65 -26.75
CA LEU A 181 -10.66 4.75 -28.08
C LEU A 181 -10.56 3.51 -28.95
N ASN A 182 -9.91 2.47 -28.45
CA ASN A 182 -9.83 1.23 -29.18
C ASN A 182 -9.30 1.48 -30.57
N SER A 183 -8.33 2.39 -30.71
CA SER A 183 -7.73 2.75 -32.00
C SER A 183 -6.28 2.36 -32.06
N PRO A 184 -6.02 1.05 -32.19
CA PRO A 184 -4.64 0.57 -32.06
C PRO A 184 -3.69 1.08 -33.13
N GLU A 185 -4.20 1.37 -34.32
CA GLU A 185 -3.30 1.81 -35.42
C GLU A 185 -2.84 3.20 -35.11
N LYS A 186 -3.79 3.98 -34.66
CA LYS A 186 -3.53 5.28 -34.14
C LYS A 186 -2.52 5.26 -32.94
N ALA A 187 -2.76 4.45 -31.91
CA ALA A 187 -1.83 4.35 -30.77
C ALA A 187 -0.43 4.01 -31.28
N CYS A 188 -0.39 3.00 -32.13
CA CYS A 188 0.88 2.57 -32.68
C CYS A 188 1.61 3.68 -33.36
N SER A 189 0.98 4.38 -34.30
CA SER A 189 1.73 5.40 -35.02
C SER A 189 2.05 6.60 -34.10
N LEU A 190 1.16 6.98 -33.18
CA LEU A 190 1.60 8.00 -32.26
C LEU A 190 2.91 7.53 -31.54
N ALA A 191 2.98 6.27 -31.09
CA ALA A 191 4.17 5.84 -30.32
C ALA A 191 5.39 5.73 -31.20
N LYS A 192 5.20 5.18 -32.39
CA LYS A 192 6.28 5.02 -33.35
C LYS A 192 6.86 6.37 -33.76
N THR A 193 5.97 7.32 -34.07
CA THR A 193 6.38 8.65 -34.46
C THR A 193 7.26 9.29 -33.40
N ALA A 194 6.81 9.22 -32.15
CA ALA A 194 7.56 9.78 -31.03
C ALA A 194 8.92 9.06 -30.76
N PHE A 195 8.96 7.75 -30.91
CA PHE A 195 10.25 7.02 -30.83
C PHE A 195 11.22 7.46 -31.94
N ASP A 196 10.77 7.38 -33.20
CA ASP A 196 11.62 7.75 -34.36
C ASP A 196 12.09 9.20 -34.32
N GLU A 197 11.21 10.14 -33.97
CA GLU A 197 11.67 11.53 -33.84
C GLU A 197 12.75 11.69 -32.77
N ALA A 198 12.64 10.96 -31.68
CA ALA A 198 13.71 11.00 -30.69
C ALA A 198 14.99 10.32 -31.22
N ILE A 199 14.85 9.24 -31.97
CA ILE A 199 16.02 8.61 -32.55
C ILE A 199 16.78 9.62 -33.42
N ALA A 200 16.02 10.31 -34.29
CA ALA A 200 16.62 11.34 -35.18
C ALA A 200 17.35 12.44 -34.42
N GLU A 201 16.65 13.10 -33.51
CA GLU A 201 17.23 14.17 -32.71
C GLU A 201 18.00 13.61 -31.51
N LEU A 202 19.06 12.85 -31.79
CA LEU A 202 19.86 12.25 -30.74
C LEU A 202 20.92 13.21 -30.23
N ASP A 203 21.40 14.09 -31.10
CA ASP A 203 22.45 15.08 -30.72
C ASP A 203 21.92 16.12 -29.71
N LEU A 205 19.63 16.42 -26.50
CA LEU A 205 19.69 15.52 -25.36
C LEU A 205 20.84 15.85 -24.35
N SER A 206 20.49 16.53 -23.27
CA SER A 206 21.47 16.90 -22.25
C SER A 206 21.90 15.67 -21.44
N GLU A 207 22.82 15.89 -20.50
CA GLU A 207 23.32 14.81 -19.66
C GLU A 207 22.28 14.42 -18.61
N GLU A 208 21.59 15.42 -18.06
CA GLU A 208 20.57 15.18 -17.05
C GLU A 208 19.40 14.38 -17.61
N SER A 209 18.69 14.94 -18.57
CA SER A 209 17.51 14.27 -19.14
C SER A 209 17.81 12.95 -19.89
N TYR A 210 19.00 12.87 -20.48
CA TYR A 210 19.41 11.71 -21.34
C TYR A 210 18.92 10.40 -20.74
N LYS A 211 19.14 10.27 -19.43
CA LYS A 211 18.75 9.07 -18.66
C LYS A 211 17.26 8.71 -18.52
N ASP A 212 16.38 9.69 -18.58
CA ASP A 212 14.98 9.42 -18.47
C ASP A 212 14.54 9.23 -19.92
N SER A 213 15.16 9.93 -20.86
CA SER A 213 14.70 9.87 -22.25
C SER A 213 14.76 8.46 -22.82
N THR A 214 15.97 7.92 -22.92
CA THR A 214 16.16 6.58 -23.44
C THR A 214 15.15 5.60 -22.83
N LEU A 215 15.03 5.64 -21.51
CA LEU A 215 14.10 4.78 -20.80
C LEU A 215 12.70 4.85 -21.42
N ILE A 216 12.10 6.02 -21.35
CA ILE A 216 10.75 6.23 -21.93
C ILE A 216 10.69 5.71 -23.35
N MET A 217 11.78 5.87 -24.11
CA MET A 217 11.80 5.41 -25.50
C MET A 217 11.65 3.90 -25.44
N GLN A 218 12.42 3.24 -24.56
CA GLN A 218 12.25 1.80 -24.30
C GLN A 218 10.81 1.42 -24.01
N LEU A 219 10.13 2.18 -23.16
CA LEU A 219 8.76 1.93 -22.87
C LEU A 219 7.90 2.08 -24.14
N LEU A 220 8.22 3.06 -25.00
CA LEU A 220 7.44 3.27 -26.18
C LEU A 220 7.56 2.04 -27.07
N ARG A 221 8.80 1.65 -27.34
CA ARG A 221 9.03 0.50 -28.14
C ARG A 221 8.43 -0.77 -27.46
N ASP A 222 8.43 -0.89 -26.13
CA ASP A 222 7.82 -2.07 -25.51
C ASP A 222 6.33 -2.16 -25.81
N ASN A 223 5.64 -1.02 -25.81
CA ASN A 223 4.22 -1.02 -26.13
C ASN A 223 4.02 -1.35 -27.61
N LEU A 224 4.89 -0.86 -28.47
CA LEU A 224 4.72 -1.11 -29.89
C LEU A 224 4.78 -2.60 -30.16
N THR A 225 5.79 -3.28 -29.60
CA THR A 225 6.01 -4.64 -29.89
C THR A 225 4.92 -5.47 -29.22
N LEU A 226 4.47 -5.07 -28.03
CA LEU A 226 3.41 -5.77 -27.35
C LEU A 226 2.18 -5.75 -28.24
N TRP A 227 1.79 -4.58 -28.68
CA TRP A 227 0.58 -4.37 -29.42
C TRP A 227 0.62 -4.93 -30.81
N THR A 228 1.74 -5.51 -31.21
CA THR A 228 1.82 -6.15 -32.50
C THR A 228 1.40 -7.60 -32.35
N SER A 229 0.57 -8.05 -33.30
CA SER A 229 0.02 -9.40 -33.29
C SER A 229 -1.15 -9.53 -32.34
N ASP B 1 -25.59 -10.57 8.84
CA ASP B 1 -25.33 -12.06 9.01
C ASP B 1 -23.83 -12.42 8.88
N LYS B 2 -23.31 -13.25 9.80
CA LYS B 2 -21.87 -13.61 9.81
C LYS B 2 -21.37 -13.84 8.40
N ASN B 3 -22.11 -14.64 7.65
CA ASN B 3 -21.72 -15.03 6.32
C ASN B 3 -21.49 -13.87 5.36
N GLU B 4 -22.39 -12.91 5.38
CA GLU B 4 -22.29 -11.82 4.46
C GLU B 4 -21.07 -10.95 4.78
N LEU B 5 -20.94 -10.57 6.05
CA LEU B 5 -19.79 -9.81 6.57
C LEU B 5 -18.46 -10.51 6.26
N VAL B 6 -18.45 -11.85 6.32
CA VAL B 6 -17.27 -12.66 6.06
C VAL B 6 -16.98 -12.67 4.59
N GLN B 7 -18.02 -12.62 3.77
CA GLN B 7 -17.79 -12.65 2.32
C GLN B 7 -17.23 -11.33 1.84
N LYS B 8 -17.73 -10.22 2.38
CA LYS B 8 -17.21 -8.88 2.11
C LYS B 8 -15.77 -8.77 2.56
N ALA B 9 -15.49 -9.27 3.76
CA ALA B 9 -14.12 -9.35 4.24
C ALA B 9 -13.16 -10.03 3.25
N LYS B 10 -13.57 -11.10 2.60
CA LYS B 10 -12.67 -11.79 1.65
C LYS B 10 -12.48 -10.99 0.39
N LEU B 11 -13.54 -10.25 0.04
CA LEU B 11 -13.56 -9.35 -1.08
C LEU B 11 -12.55 -8.17 -0.84
N ALA B 12 -12.71 -7.47 0.29
CA ALA B 12 -11.73 -6.49 0.79
C ALA B 12 -10.29 -7.01 0.70
N GLU B 13 -10.03 -8.24 1.15
CA GLU B 13 -8.69 -8.80 1.09
C GLU B 13 -8.21 -8.81 -0.34
N GLN B 14 -9.10 -9.20 -1.24
CA GLN B 14 -8.75 -9.41 -2.63
C GLN B 14 -8.43 -8.04 -3.23
N ALA B 15 -9.15 -7.03 -2.75
CA ALA B 15 -8.96 -5.64 -3.15
C ALA B 15 -7.75 -4.97 -2.43
N GLU B 16 -7.14 -5.69 -1.50
CA GLU B 16 -6.11 -5.14 -0.63
C GLU B 16 -6.60 -3.91 0.10
N ARG B 17 -7.83 -3.95 0.59
CA ARG B 17 -8.36 -2.84 1.31
C ARG B 17 -8.53 -3.33 2.76
N TYR B 18 -7.44 -3.22 3.51
CA TYR B 18 -7.30 -3.90 4.76
C TYR B 18 -8.05 -3.21 5.89
N ASP B 19 -8.32 -1.93 5.78
CA ASP B 19 -9.12 -1.33 6.80
C ASP B 19 -10.55 -1.89 6.76
N ASP B 20 -11.12 -1.90 5.55
CA ASP B 20 -12.36 -2.61 5.21
C ASP B 20 -12.32 -4.02 5.81
N MET B 21 -11.33 -4.80 5.42
CA MET B 21 -11.23 -6.13 5.92
C MET B 21 -11.23 -6.15 7.46
N ALA B 22 -10.59 -5.21 8.13
CA ALA B 22 -10.53 -5.35 9.56
C ALA B 22 -11.89 -5.04 10.14
N ALA B 23 -12.58 -4.08 9.53
CA ALA B 23 -13.87 -3.63 10.05
C ALA B 23 -14.96 -4.77 9.94
N CSO B 24 -14.90 -5.49 8.83
CA CSO B 24 -15.81 -6.60 8.58
CB CSO B 24 -15.66 -7.10 7.14
SG CSO B 24 -16.26 -5.85 5.98
C CSO B 24 -15.54 -7.75 9.56
O CSO B 24 -16.47 -8.31 10.13
OD CSO B 24 -17.97 -5.44 6.32
N MET B 25 -14.26 -8.07 9.76
CA MET B 25 -13.91 -9.14 10.69
C MET B 25 -14.09 -8.68 12.14
N LYS B 26 -14.11 -7.37 12.34
CA LYS B 26 -14.29 -6.88 13.70
C LYS B 26 -15.73 -7.09 14.10
N SER B 27 -16.67 -6.74 13.20
CA SER B 27 -18.07 -6.92 13.55
C SER B 27 -18.48 -8.39 13.55
N VAL B 28 -17.90 -9.20 12.68
CA VAL B 28 -18.05 -10.63 12.78
C VAL B 28 -17.66 -11.03 14.19
N THR B 29 -16.46 -10.69 14.66
CA THR B 29 -16.12 -11.01 16.07
C THR B 29 -17.15 -10.53 17.12
N GLU B 30 -17.78 -9.38 16.90
CA GLU B 30 -18.64 -8.77 17.92
C GLU B 30 -20.01 -9.43 18.07
N GLN B 31 -20.31 -10.34 17.14
CA GLN B 31 -21.54 -11.14 17.18
C GLN B 31 -21.52 -12.16 18.33
N GLY B 32 -20.31 -12.45 18.82
CA GLY B 32 -20.13 -13.16 20.06
C GLY B 32 -20.04 -14.65 19.92
N ALA B 33 -19.95 -15.18 18.70
CA ALA B 33 -19.81 -16.62 18.47
C ALA B 33 -18.33 -17.02 18.22
N GLU B 34 -17.87 -18.14 18.77
CA GLU B 34 -16.52 -18.62 18.49
C GLU B 34 -16.21 -18.55 16.98
N LEU B 35 -15.07 -17.96 16.57
CA LEU B 35 -14.70 -17.84 15.17
C LEU B 35 -14.19 -19.19 14.69
N SER B 36 -14.43 -19.57 13.42
CA SER B 36 -13.76 -20.72 12.87
C SER B 36 -12.30 -20.44 12.55
N ASN B 37 -11.60 -21.51 12.15
CA ASN B 37 -10.23 -21.38 11.68
C ASN B 37 -10.10 -20.36 10.55
N GLU B 38 -11.03 -20.39 9.59
CA GLU B 38 -10.98 -19.46 8.50
C GLU B 38 -11.29 -18.01 8.94
N GLU B 39 -12.11 -17.83 9.96
CA GLU B 39 -12.53 -16.49 10.37
C GLU B 39 -11.41 -15.82 11.19
N ARG B 40 -10.79 -16.60 12.06
CA ARG B 40 -9.68 -16.15 12.88
C ARG B 40 -8.49 -15.78 12.02
N ASN B 41 -8.31 -16.47 10.90
CA ASN B 41 -7.20 -16.15 10.04
C ASN B 41 -7.43 -14.86 9.31
N LEU B 42 -8.69 -14.61 8.95
CA LEU B 42 -9.04 -13.43 8.25
C LEU B 42 -8.90 -12.25 9.19
N LEU B 43 -9.41 -12.35 10.43
CA LEU B 43 -9.20 -11.30 11.43
C LEU B 43 -7.67 -11.08 11.53
N SER B 44 -6.91 -12.15 11.63
CA SER B 44 -5.54 -11.98 11.95
C SER B 44 -4.83 -11.27 10.80
N VAL B 45 -5.17 -11.61 9.55
CA VAL B 45 -4.52 -11.04 8.38
C VAL B 45 -4.92 -9.61 8.23
N ALA B 46 -6.18 -9.32 8.49
CA ALA B 46 -6.63 -7.97 8.36
C ALA B 46 -5.79 -7.05 9.32
N TYR B 47 -5.86 -7.37 10.61
CA TYR B 47 -5.30 -6.50 11.58
C TYR B 47 -3.80 -6.46 11.43
N LYS B 48 -3.19 -7.53 10.91
CA LYS B 48 -1.77 -7.48 10.85
C LYS B 48 -1.29 -6.54 9.75
N ASN B 49 -2.00 -6.50 8.62
CA ASN B 49 -1.72 -5.53 7.57
C ASN B 49 -2.01 -4.09 8.10
N VAL B 50 -3.10 -3.92 8.79
CA VAL B 50 -3.40 -2.62 9.38
C VAL B 50 -2.30 -2.07 10.34
N VAL B 51 -1.76 -2.88 11.24
CA VAL B 51 -0.73 -2.38 12.12
C VAL B 51 0.57 -2.41 11.40
N GLY B 52 0.75 -3.29 10.44
CA GLY B 52 2.09 -3.35 9.80
C GLY B 52 2.43 -1.96 9.27
N ALA B 53 1.41 -1.30 8.71
CA ALA B 53 1.62 -0.12 7.93
C ALA B 53 2.09 0.98 8.88
N ARG B 54 1.45 1.05 10.05
CA ARG B 54 1.78 2.04 11.03
C ARG B 54 3.15 1.77 11.61
N ARG B 55 3.48 0.49 11.83
CA ARG B 55 4.78 0.17 12.39
C ARG B 55 5.90 0.50 11.43
N SER B 56 5.68 0.22 10.16
CA SER B 56 6.71 0.52 9.17
C SER B 56 6.85 2.06 9.04
N SER B 57 5.75 2.78 9.14
CA SER B 57 5.82 4.23 9.15
C SER B 57 6.48 4.77 10.41
N TRP B 58 6.22 4.18 11.55
CA TRP B 58 6.85 4.68 12.79
C TRP B 58 8.34 4.46 12.70
N ARG B 59 8.75 3.31 12.16
CA ARG B 59 10.16 3.01 11.97
C ARG B 59 10.92 4.07 11.17
N VAL B 60 10.29 4.62 10.13
CA VAL B 60 10.94 5.55 9.25
C VAL B 60 10.93 6.92 9.92
N VAL B 61 9.77 7.36 10.37
CA VAL B 61 9.71 8.64 11.03
C VAL B 61 10.57 8.74 12.34
N SER B 62 10.77 7.62 13.04
CA SER B 62 11.63 7.61 14.23
C SER B 62 13.04 7.88 13.78
N SER B 63 13.59 7.02 12.95
CA SER B 63 14.97 7.18 12.52
C SER B 63 15.25 8.62 12.03
N ILE B 64 14.28 9.22 11.34
CA ILE B 64 14.53 10.55 10.81
C ILE B 64 14.64 11.55 11.97
N GLU B 65 13.68 11.50 12.90
CA GLU B 65 13.73 12.29 14.11
C GLU B 65 15.01 11.96 14.86
N GLN B 66 15.82 11.05 14.32
CA GLN B 66 17.07 10.63 14.96
C GLN B 66 18.23 11.27 14.26
N LYS B 67 18.32 11.09 12.95
CA LYS B 67 19.42 11.68 12.17
C LYS B 67 19.57 13.19 12.36
N THR B 68 18.49 13.85 12.79
CA THR B 68 18.48 15.32 12.98
C THR B 68 18.75 16.03 14.32
N GLU B 69 19.78 16.89 14.33
CA GLU B 69 20.09 17.78 15.48
C GLU B 69 20.99 18.95 15.05
N GLU B 72 17.91 20.33 14.07
CA GLU B 72 17.20 21.48 13.52
C GLU B 72 15.75 21.66 14.05
N LYS B 73 14.87 22.28 13.23
CA LYS B 73 13.38 22.36 13.43
C LYS B 73 12.63 21.29 12.62
N LYS B 74 13.41 20.54 11.84
CA LYS B 74 12.93 19.35 11.15
C LYS B 74 12.55 18.34 12.23
N GLN B 75 13.37 18.31 13.30
CA GLN B 75 13.19 17.39 14.43
C GLN B 75 11.83 17.54 15.11
N GLN B 76 11.42 18.75 15.46
CA GLN B 76 10.09 18.91 16.07
C GLN B 76 8.97 18.37 15.15
N MET B 77 9.20 18.45 13.84
CA MET B 77 8.21 18.06 12.86
C MET B 77 8.06 16.55 12.87
N ALA B 78 9.17 15.86 12.65
CA ALA B 78 9.25 14.43 12.74
C ALA B 78 8.53 13.98 14.04
N ARG B 79 9.02 14.52 15.17
CA ARG B 79 8.51 14.18 16.48
C ARG B 79 6.99 14.14 16.47
N GLU B 80 6.35 15.22 16.08
CA GLU B 80 4.89 15.25 16.21
C GLU B 80 4.22 14.27 15.21
N TYR B 81 4.90 14.01 14.08
CA TYR B 81 4.36 13.12 13.09
C TYR B 81 4.55 11.73 13.68
N ARG B 82 5.73 11.44 14.23
CA ARG B 82 5.94 10.19 14.91
C ARG B 82 4.85 10.00 15.96
N GLU B 83 4.46 11.07 16.66
CA GLU B 83 3.42 10.97 17.67
C GLU B 83 2.04 10.64 17.09
N LYS B 84 1.69 11.30 16.00
CA LYS B 84 0.37 11.08 15.37
C LYS B 84 0.22 9.61 14.95
N ILE B 85 1.30 9.05 14.40
CA ILE B 85 1.38 7.70 13.97
C ILE B 85 1.29 6.73 15.16
N GLU B 86 2.08 6.94 16.22
CA GLU B 86 1.99 6.13 17.43
C GLU B 86 0.55 6.01 17.83
N THR B 87 -0.18 7.13 17.79
CA THR B 87 -1.48 7.06 18.40
C THR B 87 -2.48 6.24 17.55
N GLU B 88 -2.39 6.37 16.22
CA GLU B 88 -3.06 5.47 15.31
C GLU B 88 -2.74 4.00 15.61
N LEU B 89 -1.47 3.75 15.89
CA LEU B 89 -0.95 2.45 16.13
C LEU B 89 -1.53 1.90 17.45
N ARG B 90 -1.75 2.78 18.42
CA ARG B 90 -2.17 2.29 19.69
C ARG B 90 -3.65 2.00 19.63
N ASP B 91 -4.40 2.86 18.93
CA ASP B 91 -5.82 2.66 18.84
C ASP B 91 -6.05 1.29 18.16
N ILE B 92 -5.24 0.95 17.18
CA ILE B 92 -5.36 -0.34 16.50
C ILE B 92 -5.05 -1.51 17.42
N CYS B 93 -3.91 -1.42 18.10
CA CYS B 93 -3.56 -2.41 19.07
C CYS B 93 -4.68 -2.57 20.08
N ASN B 94 -5.32 -1.48 20.51
CA ASN B 94 -6.31 -1.63 21.59
C ASN B 94 -7.64 -2.19 21.10
N ASP B 95 -8.08 -1.77 19.90
CA ASP B 95 -9.25 -2.43 19.25
C ASP B 95 -9.09 -3.96 19.36
N VAL B 96 -7.98 -4.47 18.85
CA VAL B 96 -7.65 -5.89 18.84
C VAL B 96 -7.58 -6.55 20.21
N LEU B 97 -7.00 -5.82 21.17
CA LEU B 97 -6.70 -6.42 22.45
C LEU B 97 -7.96 -6.56 23.20
N SER B 98 -8.87 -5.64 22.91
CA SER B 98 -10.20 -5.68 23.43
C SER B 98 -10.98 -6.81 22.75
N LEU B 99 -10.89 -6.96 21.45
CA LEU B 99 -11.47 -8.14 20.83
C LEU B 99 -11.03 -9.42 21.51
N LEU B 100 -9.73 -9.56 21.75
CA LEU B 100 -9.19 -10.72 22.44
C LEU B 100 -9.75 -10.95 23.84
N GLU B 101 -9.95 -9.89 24.62
CA GLU B 101 -10.24 -10.09 26.01
C GLU B 101 -11.68 -10.43 26.14
N LYS B 102 -12.50 -9.71 25.38
CA LYS B 102 -13.92 -9.71 25.50
C LYS B 102 -14.63 -10.84 24.76
N PHE B 103 -14.06 -11.33 23.64
CA PHE B 103 -14.70 -12.39 22.80
C PHE B 103 -13.81 -13.59 22.51
N LEU B 104 -12.71 -13.35 21.82
CA LEU B 104 -11.86 -14.39 21.34
C LEU B 104 -11.33 -15.31 22.43
N ILE B 105 -10.66 -14.80 23.45
CA ILE B 105 -10.11 -15.72 24.45
C ILE B 105 -11.16 -16.50 25.29
N PRO B 106 -12.18 -15.80 25.81
CA PRO B 106 -13.17 -16.49 26.64
C PRO B 106 -13.91 -17.66 25.91
N ASN B 107 -14.21 -17.52 24.62
CA ASN B 107 -14.92 -18.54 23.83
C ASN B 107 -14.04 -19.62 23.19
N ALA B 108 -12.73 -19.54 23.38
CA ALA B 108 -11.86 -20.40 22.64
C ALA B 108 -12.03 -21.75 23.27
N SER B 109 -12.50 -22.74 22.51
CA SER B 109 -12.88 -24.04 23.11
C SER B 109 -11.81 -25.07 22.94
N GLN B 110 -10.86 -24.84 22.05
CA GLN B 110 -9.76 -25.78 21.81
C GLN B 110 -8.39 -25.24 22.26
N ALA B 111 -7.44 -26.13 22.60
CA ALA B 111 -6.08 -25.69 22.95
C ALA B 111 -5.43 -24.93 21.80
N GLU B 112 -5.60 -25.43 20.60
CA GLU B 112 -5.00 -24.82 19.43
C GLU B 112 -5.42 -23.38 19.33
N SER B 113 -6.65 -23.16 19.70
CA SER B 113 -7.25 -21.91 19.62
C SER B 113 -6.75 -20.93 20.71
N LYS B 114 -6.76 -21.40 21.94
CA LYS B 114 -6.29 -20.64 23.09
C LYS B 114 -4.84 -20.23 22.78
N VAL B 115 -4.05 -21.15 22.29
CA VAL B 115 -2.70 -20.81 21.90
C VAL B 115 -2.72 -19.64 20.89
N PHE B 116 -3.37 -19.85 19.75
CA PHE B 116 -3.41 -18.82 18.71
C PHE B 116 -3.65 -17.40 19.25
N TYR B 117 -4.68 -17.25 20.06
CA TYR B 117 -5.07 -15.97 20.65
C TYR B 117 -4.14 -15.44 21.77
N LEU B 118 -3.51 -16.33 22.50
CA LEU B 118 -2.54 -15.86 23.48
C LEU B 118 -1.29 -15.39 22.72
N LYS B 119 -0.89 -16.09 21.66
CA LYS B 119 0.16 -15.53 20.77
C LYS B 119 -0.20 -14.11 20.34
N MET B 120 -1.41 -13.92 19.89
CA MET B 120 -1.75 -12.72 19.19
C MET B 120 -1.78 -11.59 20.27
N LYS B 121 -2.19 -11.94 21.49
CA LYS B 121 -2.16 -11.02 22.62
C LYS B 121 -0.69 -10.65 22.90
N GLY B 122 0.17 -11.64 22.99
CA GLY B 122 1.58 -11.34 23.05
C GLY B 122 2.00 -10.38 21.95
N ASP B 123 1.68 -10.73 20.71
CA ASP B 123 2.02 -9.92 19.55
C ASP B 123 1.58 -8.46 19.64
N TYR B 124 0.37 -8.21 20.15
CA TYR B 124 -0.13 -6.84 20.13
C TYR B 124 0.36 -5.97 21.28
N TYR B 125 0.69 -6.60 22.42
CA TYR B 125 1.36 -5.88 23.51
C TYR B 125 2.77 -5.65 23.13
N ARG B 126 3.39 -6.63 22.49
CA ARG B 126 4.73 -6.40 22.00
C ARG B 126 4.79 -5.12 21.13
N TYR B 127 3.80 -4.92 20.26
CA TYR B 127 3.84 -3.73 19.35
C TYR B 127 3.65 -2.49 20.12
N LEU B 128 2.84 -2.55 21.15
CA LEU B 128 2.67 -1.44 22.07
C LEU B 128 4.00 -1.26 22.79
N ALA B 129 4.72 -2.34 23.04
CA ALA B 129 6.00 -2.16 23.75
C ALA B 129 7.01 -1.41 22.88
N GLU B 130 6.94 -1.54 21.56
CA GLU B 130 8.03 -1.01 20.72
C GLU B 130 7.99 0.55 20.75
N VAL B 131 6.92 1.06 21.31
CA VAL B 131 6.52 2.43 21.14
C VAL B 131 6.15 2.94 22.55
N ALA B 132 6.44 2.15 23.57
CA ALA B 132 6.10 2.65 24.90
C ALA B 132 7.21 3.57 25.40
N ALA B 133 6.83 4.61 26.14
CA ALA B 133 7.76 5.62 26.60
C ALA B 133 8.14 5.50 28.07
N GLY B 134 8.82 4.40 28.41
CA GLY B 134 9.37 4.22 29.73
C GLY B 134 8.40 3.81 30.81
N ASP B 135 7.85 4.80 31.52
CA ASP B 135 6.95 4.56 32.65
C ASP B 135 5.81 3.55 32.51
N ASP B 136 5.16 3.53 31.36
CA ASP B 136 4.06 2.58 31.11
C ASP B 136 4.77 1.31 30.64
N LYS B 137 5.95 1.46 30.04
CA LYS B 137 6.65 0.37 29.36
C LYS B 137 6.86 -0.94 30.11
N LYS B 138 7.33 -0.88 31.36
CA LYS B 138 7.66 -2.16 32.04
C LYS B 138 6.40 -3.05 32.20
N GLY B 139 5.26 -2.41 32.46
CA GLY B 139 3.97 -3.09 32.59
C GLY B 139 3.36 -3.61 31.28
N ILE B 140 3.58 -2.87 30.17
CA ILE B 140 3.17 -3.36 28.84
C ILE B 140 4.00 -4.56 28.48
N VAL B 141 5.31 -4.50 28.73
CA VAL B 141 6.22 -5.61 28.46
C VAL B 141 5.80 -6.84 29.25
N ASP B 142 5.22 -6.67 30.42
CA ASP B 142 4.87 -7.85 31.20
C ASP B 142 3.59 -8.42 30.75
N GLN B 143 2.69 -7.57 30.29
CA GLN B 143 1.47 -8.11 29.74
C GLN B 143 1.79 -8.97 28.51
N SER B 144 2.80 -8.56 27.74
CA SER B 144 3.14 -9.29 26.55
C SER B 144 3.74 -10.63 26.89
N GLN B 145 4.84 -10.62 27.63
CA GLN B 145 5.54 -11.84 28.08
C GLN B 145 4.65 -12.86 28.84
N GLN B 146 3.66 -12.39 29.60
CA GLN B 146 2.70 -13.34 30.22
C GLN B 146 1.72 -14.02 29.24
N ALA B 147 1.27 -13.26 28.23
CA ALA B 147 0.52 -13.81 27.13
C ALA B 147 1.38 -14.89 26.43
N TYR B 148 2.57 -14.52 25.93
CA TYR B 148 3.44 -15.51 25.30
C TYR B 148 3.65 -16.75 26.18
N GLN B 149 3.96 -16.52 27.46
CA GLN B 149 4.44 -17.62 28.30
C GLN B 149 3.31 -18.66 28.49
N GLU B 150 2.11 -18.18 28.72
CA GLU B 150 0.97 -19.09 28.80
C GLU B 150 0.75 -19.81 27.42
N ALA B 151 0.75 -19.07 26.32
CA ALA B 151 0.61 -19.72 25.03
C ALA B 151 1.69 -20.78 24.96
N PHE B 152 2.88 -20.43 25.41
CA PHE B 152 4.02 -21.28 25.22
C PHE B 152 3.83 -22.58 26.05
N GLU B 153 3.37 -22.47 27.29
CA GLU B 153 3.24 -23.67 28.14
C GLU B 153 2.14 -24.56 27.56
N ILE B 154 1.01 -23.97 27.17
CA ILE B 154 -0.06 -24.74 26.51
C ILE B 154 0.35 -25.42 25.21
N SER B 155 1.16 -24.78 24.37
CA SER B 155 1.55 -25.47 23.16
C SER B 155 2.50 -26.59 23.44
N LYS B 156 3.30 -26.47 24.50
CA LYS B 156 4.30 -27.53 24.78
C LYS B 156 3.55 -28.84 25.16
N LYS B 157 2.52 -28.66 26.00
CA LYS B 157 1.73 -29.76 26.55
C LYS B 157 0.81 -30.34 25.50
N GLU B 158 0.39 -29.53 24.52
CA GLU B 158 -0.76 -29.91 23.67
C GLU B 158 -0.55 -30.07 22.17
N MET B 159 0.53 -29.57 21.63
CA MET B 159 0.74 -29.59 20.16
C MET B 159 2.05 -30.26 19.84
N GLN B 160 2.13 -30.81 18.66
CA GLN B 160 3.34 -31.41 18.16
C GLN B 160 4.40 -30.32 17.90
N PRO B 161 5.69 -30.68 17.91
CA PRO B 161 6.70 -29.63 17.76
C PRO B 161 6.71 -29.07 16.36
N THR B 162 6.14 -29.80 15.39
CA THR B 162 6.08 -29.29 14.02
C THR B 162 4.80 -28.50 13.75
N HIS B 163 3.98 -28.29 14.76
CA HIS B 163 2.73 -27.57 14.51
C HIS B 163 3.02 -26.08 14.20
N PRO B 164 2.50 -25.60 13.06
CA PRO B 164 2.80 -24.23 12.66
C PRO B 164 2.56 -23.22 13.76
N ILE B 165 1.46 -23.34 14.48
CA ILE B 165 1.12 -22.40 15.53
C ILE B 165 2.13 -22.51 16.69
N ARG B 166 2.60 -23.70 17.05
CA ARG B 166 3.64 -23.82 18.06
C ARG B 166 4.95 -23.19 17.55
N LEU B 167 5.28 -23.47 16.29
CA LEU B 167 6.48 -22.92 15.68
C LEU B 167 6.40 -21.40 15.59
N GLY B 168 5.27 -20.88 15.14
CA GLY B 168 5.06 -19.45 14.99
C GLY B 168 5.17 -18.77 16.36
N LEU B 169 4.63 -19.40 17.41
CA LEU B 169 4.72 -18.87 18.76
C LEU B 169 6.20 -18.80 19.16
N ALA B 170 6.90 -19.91 18.99
CA ALA B 170 8.30 -19.98 19.26
C ALA B 170 8.96 -18.78 18.54
N LEU B 171 8.74 -18.65 17.24
CA LEU B 171 9.42 -17.61 16.48
C LEU B 171 9.21 -16.21 17.10
N ASN B 172 8.00 -15.90 17.49
CA ASN B 172 7.68 -14.56 17.87
C ASN B 172 8.12 -14.32 19.33
N PHE B 173 8.10 -15.37 20.16
CA PHE B 173 8.50 -15.28 21.58
C PHE B 173 10.01 -15.07 21.57
N SER B 174 10.74 -15.73 20.67
CA SER B 174 12.17 -15.49 20.60
C SER B 174 12.44 -14.05 20.22
N VAL B 175 11.73 -13.55 19.18
CA VAL B 175 11.88 -12.13 18.80
C VAL B 175 11.67 -11.23 20.02
N PHE B 176 10.66 -11.53 20.78
CA PHE B 176 10.31 -10.71 21.90
C PHE B 176 11.47 -10.66 22.93
N TYR B 177 12.13 -11.79 23.17
CA TYR B 177 13.27 -11.79 24.08
C TYR B 177 14.35 -10.90 23.52
N TYR B 178 14.56 -11.04 22.22
CA TYR B 178 15.59 -10.34 21.52
C TYR B 178 15.42 -8.80 21.46
N GLU B 179 14.26 -8.31 21.12
CA GLU B 179 14.18 -6.91 20.73
C GLU B 179 13.54 -6.18 21.81
N ILE B 180 12.75 -6.86 22.62
CA ILE B 180 12.01 -6.15 23.63
C ILE B 180 12.70 -6.28 25.02
N LEU B 181 13.21 -7.46 25.32
CA LEU B 181 13.74 -7.72 26.64
C LEU B 181 15.29 -7.64 26.63
N ASN B 182 15.83 -7.46 25.43
CA ASN B 182 17.25 -7.45 25.24
C ASN B 182 18.00 -8.62 25.82
N SER B 183 17.50 -9.83 25.58
CA SER B 183 18.13 -11.06 26.05
C SER B 183 18.47 -11.98 24.91
N PRO B 184 19.47 -11.61 24.13
CA PRO B 184 19.78 -12.40 22.97
C PRO B 184 20.07 -13.85 23.34
N GLU B 185 20.56 -14.08 24.54
CA GLU B 185 20.96 -15.45 24.89
C GLU B 185 19.71 -16.34 25.05
N LYS B 186 18.69 -15.75 25.65
CA LYS B 186 17.43 -16.44 25.81
C LYS B 186 16.64 -16.57 24.44
N ALA B 187 16.83 -15.63 23.54
CA ALA B 187 16.17 -15.67 22.25
C ALA B 187 16.78 -16.80 21.43
N CYS B 188 18.09 -16.95 21.49
CA CYS B 188 18.73 -17.92 20.64
C CYS B 188 18.38 -19.32 21.09
N SER B 189 18.38 -19.55 22.40
CA SER B 189 18.18 -20.89 22.90
C SER B 189 16.72 -21.32 22.75
N LEU B 190 15.77 -20.43 23.04
CA LEU B 190 14.39 -20.68 22.66
C LEU B 190 14.24 -21.02 21.14
N ALA B 191 14.81 -20.22 20.27
CA ALA B 191 14.67 -20.51 18.85
C ALA B 191 15.41 -21.77 18.48
N LYS B 192 16.47 -22.08 19.19
CA LYS B 192 17.21 -23.28 18.82
C LYS B 192 16.51 -24.54 19.20
N THR B 193 15.98 -24.57 20.40
CA THR B 193 15.28 -25.78 20.80
C THR B 193 14.06 -26.06 19.88
N ALA B 194 13.29 -25.01 19.60
CA ALA B 194 12.15 -25.14 18.69
C ALA B 194 12.53 -25.60 17.29
N PHE B 195 13.57 -25.05 16.70
CA PHE B 195 14.06 -25.62 15.45
C PHE B 195 14.42 -27.12 15.63
N ASP B 196 15.22 -27.41 16.65
CA ASP B 196 15.75 -28.78 16.79
C ASP B 196 14.64 -29.81 17.06
N GLU B 197 13.71 -29.45 17.93
CA GLU B 197 12.66 -30.39 18.25
C GLU B 197 11.81 -30.66 17.01
N ALA B 198 11.72 -29.71 16.08
CA ALA B 198 10.87 -29.86 14.93
C ALA B 198 11.55 -30.78 13.97
N ILE B 199 12.88 -30.66 13.91
CA ILE B 199 13.62 -31.40 12.94
C ILE B 199 13.71 -32.87 13.33
N ALA B 200 13.75 -33.15 14.64
CA ALA B 200 13.82 -34.50 15.16
C ALA B 200 12.51 -35.25 14.95
N GLU B 201 11.41 -34.52 14.95
CA GLU B 201 10.11 -35.10 14.73
C GLU B 201 9.86 -35.05 13.25
N LEU B 202 10.94 -35.13 12.47
CA LEU B 202 10.84 -35.56 11.11
C LEU B 202 11.33 -37.02 11.10
N ASP B 203 10.40 -37.93 10.76
CA ASP B 203 10.60 -39.39 10.87
C ASP B 203 9.46 -40.24 10.25
N GLU B 208 -0.50 -34.09 7.98
CA GLU B 208 0.57 -33.10 7.96
C GLU B 208 0.66 -32.32 6.65
N SER B 209 0.40 -31.01 6.76
CA SER B 209 0.88 -29.98 5.78
C SER B 209 2.18 -29.30 6.28
N TYR B 210 3.26 -29.74 5.64
CA TYR B 210 4.65 -29.36 5.89
C TYR B 210 4.99 -27.96 5.43
N LYS B 211 4.21 -27.40 4.51
CA LYS B 211 4.62 -26.19 3.81
C LYS B 211 4.78 -25.06 4.83
N ASP B 212 3.73 -24.83 5.61
CA ASP B 212 3.73 -23.81 6.64
C ASP B 212 4.82 -24.10 7.70
N SER B 213 4.93 -25.35 8.15
CA SER B 213 5.87 -25.70 9.19
C SER B 213 7.29 -25.49 8.80
N THR B 214 7.69 -26.03 7.65
CA THR B 214 9.10 -25.94 7.24
C THR B 214 9.49 -24.50 6.94
N LEU B 215 8.50 -23.68 6.60
CA LEU B 215 8.75 -22.29 6.36
C LEU B 215 9.20 -21.51 7.61
N ILE B 216 8.47 -21.70 8.70
CA ILE B 216 8.80 -21.12 10.00
C ILE B 216 10.08 -21.72 10.54
N MET B 217 10.40 -22.95 10.20
CA MET B 217 11.66 -23.50 10.62
C MET B 217 12.74 -22.73 9.94
N GLN B 218 12.52 -22.39 8.66
CA GLN B 218 13.48 -21.62 7.93
C GLN B 218 13.61 -20.25 8.57
N LEU B 219 12.51 -19.64 8.94
CA LEU B 219 12.63 -18.33 9.56
C LEU B 219 13.31 -18.44 10.93
N LEU B 220 13.14 -19.55 11.67
CA LEU B 220 13.86 -19.68 12.95
C LEU B 220 15.34 -19.79 12.70
N ARG B 221 15.74 -20.51 11.66
CA ARG B 221 17.16 -20.67 11.47
C ARG B 221 17.81 -19.33 11.02
N ASP B 222 17.06 -18.55 10.25
CA ASP B 222 17.59 -17.34 9.67
C ASP B 222 17.88 -16.39 10.83
N ASN B 223 16.96 -16.37 11.80
CA ASN B 223 17.09 -15.50 12.96
C ASN B 223 18.32 -15.88 13.77
N LEU B 224 18.55 -17.17 13.92
CA LEU B 224 19.70 -17.65 14.59
C LEU B 224 20.99 -17.31 13.87
N THR B 225 20.98 -17.36 12.54
CA THR B 225 22.12 -16.95 11.78
C THR B 225 22.36 -15.46 11.99
N LEU B 226 21.30 -14.67 11.79
CA LEU B 226 21.41 -13.24 11.99
C LEU B 226 22.03 -12.99 13.34
N TRP B 227 21.38 -13.45 14.41
CA TRP B 227 21.80 -13.18 15.78
C TRP B 227 23.14 -13.81 16.20
N THR B 228 23.76 -14.62 15.34
CA THR B 228 25.08 -15.17 15.61
C THR B 228 26.10 -14.67 14.57
N SER B 229 26.80 -13.59 14.90
CA SER B 229 27.74 -12.97 13.94
C SER B 229 29.22 -12.96 14.35
N LEU C 1 -3.05 -9.23 -12.25
CA LEU C 1 -4.05 -8.43 -13.02
C LEU C 1 -3.44 -7.29 -13.88
N TYR C 2 -4.27 -6.67 -14.71
CA TYR C 2 -3.79 -5.81 -15.81
C TYR C 2 -3.33 -4.41 -15.35
N ARG C 3 -2.16 -3.99 -15.85
CA ARG C 3 -1.58 -2.66 -15.54
C ARG C 3 -1.54 -1.85 -16.84
N SER C 4 -2.28 -0.73 -16.90
CA SER C 4 -2.26 0.14 -18.10
C SER C 4 -0.82 0.63 -18.24
N PRO C 5 -0.15 0.30 -19.35
CA PRO C 5 1.30 0.55 -19.49
C PRO C 5 1.66 1.99 -19.80
N SEP C 6 1.21 2.90 -18.95
CA SEP C 6 1.50 4.32 -19.09
CB SEP C 6 0.36 5.12 -18.49
OG SEP C 6 0.31 4.95 -17.07
C SEP C 6 2.75 4.69 -18.34
O SEP C 6 3.52 3.80 -17.93
P SEP C 6 -1.11 5.01 -16.35
O1P SEP C 6 -2.10 4.19 -17.19
O2P SEP C 6 -1.61 6.46 -16.29
O3P SEP C 6 -1.11 4.45 -14.91
N MET C 7 2.95 5.98 -18.15
CA MET C 7 4.12 6.50 -17.48
C MET C 7 4.19 5.99 -16.04
N PRO C 8 5.32 5.35 -15.68
CA PRO C 8 5.55 5.16 -14.24
C PRO C 8 6.23 6.41 -13.59
N GLU C 9 6.06 6.59 -12.28
CA GLU C 9 7.05 7.32 -11.44
C GLU C 9 8.17 6.26 -11.23
N ASN C 10 9.41 6.60 -11.62
CA ASN C 10 10.43 5.52 -11.85
C ASN C 10 10.97 4.76 -10.59
N ARG D 1 12.62 -3.75 10.05
CA ARG D 1 11.95 -5.05 9.70
C ARG D 1 12.04 -6.15 10.83
N SER D 2 11.01 -6.19 11.69
CA SER D 2 10.90 -7.20 12.79
C SER D 2 10.57 -8.63 12.33
N PRO D 3 11.60 -9.52 12.32
CA PRO D 3 11.62 -10.84 11.64
C PRO D 3 10.78 -11.90 12.36
N SEP D 4 9.50 -11.55 12.55
CA SEP D 4 8.53 -12.43 13.16
CB SEP D 4 7.62 -11.58 14.03
OG SEP D 4 6.73 -10.81 13.20
C SEP D 4 7.69 -13.06 12.09
O SEP D 4 8.02 -12.95 10.88
P SEP D 4 6.33 -9.34 13.59
O1P SEP D 4 5.11 -9.48 14.54
O2P SEP D 4 7.48 -8.70 14.36
O3P SEP D 4 5.92 -8.54 12.37
N MET D 5 6.63 -13.71 12.50
CA MET D 5 5.62 -14.33 11.63
C MET D 5 5.02 -13.42 10.55
N PRO D 6 5.14 -13.86 9.27
CA PRO D 6 4.25 -13.37 8.18
C PRO D 6 2.89 -14.14 8.09
N GLU D 7 2.17 -13.97 6.97
CA GLU D 7 0.93 -14.73 6.67
C GLU D 7 0.97 -15.34 5.25
C1 GOL E . -17.88 -4.15 2.11
O1 GOL E . -16.67 -4.79 1.68
C2 GOL E . -17.58 -2.76 2.72
O2 GOL E . -16.55 -2.90 3.68
C3 GOL E . -18.74 -1.93 3.29
O3 GOL E . -19.83 -1.79 2.39
C BEZ F . 15.49 0.37 -27.45
O1 BEZ F . 16.01 -0.72 -27.33
O2 BEZ F . 14.24 0.50 -27.50
C1 BEZ F . 16.32 1.59 -27.57
C2 BEZ F . 15.89 2.79 -27.05
C3 BEZ F . 16.69 3.93 -27.15
C4 BEZ F . 17.92 3.89 -27.78
C5 BEZ F . 18.32 2.67 -28.30
C6 BEZ F . 17.53 1.54 -28.21
C1 GOL G . 1.07 15.38 7.99
O1 GOL G . 2.21 15.00 7.22
C2 GOL G . 1.53 16.27 9.15
O2 GOL G . 2.90 16.05 9.47
C3 GOL G . 0.56 16.15 10.33
O3 GOL G . -0.76 16.26 9.79
C BEZ H . 16.36 -24.92 6.59
O1 BEZ H . 17.11 -24.86 5.60
O2 BEZ H . 16.29 -24.05 7.48
C1 BEZ H . 15.47 -26.11 6.72
C2 BEZ H . 14.32 -26.05 7.50
C3 BEZ H . 13.49 -27.16 7.62
C4 BEZ H . 13.81 -28.33 6.95
C5 BEZ H . 14.96 -28.40 6.17
C6 BEZ H . 15.78 -27.29 6.06
#